data_3WX1
#
_entry.id   3WX1
#
_cell.length_a   118.112
_cell.length_b   118.112
_cell.length_c   118.112
_cell.angle_alpha   90.00
_cell.angle_beta   90.00
_cell.angle_gamma   90.00
#
_symmetry.space_group_name_H-M   'I 21 3'
#
loop_
_entity.id
_entity.type
_entity.pdbx_description
1 polymer 'Protein cereblon'
2 non-polymer 'ZINC ION'
3 non-polymer 'SULFATE ION'
4 water water
#
_entity_poly.entity_id   1
_entity_poly.type   'polypeptide(L)'
_entity_poly.pdbx_seq_one_letter_code
;GPTSLCCKQCQETEITTKNEIFSLSLCGP(MSE)AAYVNPHGYVHETLTVYKASNLNLIGRPSTVHSWFPGYAWTIAQCK
ICASHIGWKFTATKKD(MSE)SPQKFWGLTRSALLPTIP
;
_entity_poly.pdbx_strand_id   A,B
#
loop_
_chem_comp.id
_chem_comp.type
_chem_comp.name
_chem_comp.formula
SO4 non-polymer 'SULFATE ION' 'O4 S -2'
ZN non-polymer 'ZINC ION' 'Zn 2'
#
# COMPACT_ATOMS: atom_id res chain seq x y z
N GLY A 1 -4.39 3.38 -15.29
CA GLY A 1 -4.74 2.95 -16.67
C GLY A 1 -5.31 1.54 -16.71
N PRO A 2 -5.84 1.13 -17.88
CA PRO A 2 -6.41 -0.20 -18.08
C PRO A 2 -5.39 -1.33 -17.90
N THR A 3 -4.12 -0.99 -18.08
CA THR A 3 -3.06 -1.98 -18.00
C THR A 3 -2.56 -2.16 -16.56
N SER A 4 -3.12 -1.36 -15.66
CA SER A 4 -2.50 -1.13 -14.36
C SER A 4 -2.88 -2.24 -13.37
N LEU A 5 -1.89 -2.84 -12.73
CA LEU A 5 -2.16 -3.75 -11.62
C LEU A 5 -1.70 -3.14 -10.30
N CYS A 6 -2.67 -2.88 -9.43
CA CYS A 6 -2.44 -2.09 -8.22
C CYS A 6 -2.59 -2.95 -6.98
N CYS A 7 -1.95 -2.51 -5.89
CA CYS A 7 -2.16 -3.11 -4.57
C CYS A 7 -3.65 -3.14 -4.21
N LYS A 8 -4.13 -4.31 -3.83
CA LYS A 8 -5.53 -4.43 -3.47
C LYS A 8 -5.86 -3.68 -2.18
N GLN A 9 -4.91 -3.61 -1.25
CA GLN A 9 -5.13 -2.97 0.03
C GLN A 9 -5.26 -1.45 -0.06
N CYS A 10 -4.29 -0.79 -0.70
CA CYS A 10 -4.32 0.67 -0.75
C CYS A 10 -4.89 1.25 -2.05
N GLN A 11 -5.15 0.38 -3.02
CA GLN A 11 -5.87 0.75 -4.24
C GLN A 11 -5.09 1.63 -5.24
N GLU A 12 -4.46 2.70 -4.77
CA GLU A 12 -3.89 3.70 -5.67
C GLU A 12 -2.50 3.32 -6.16
N THR A 13 -1.83 2.43 -5.44
CA THR A 13 -0.43 2.15 -5.72
C THR A 13 -0.33 1.10 -6.82
N GLU A 14 0.24 1.50 -7.96
CA GLU A 14 0.51 0.55 -9.04
C GLU A 14 1.79 -0.25 -8.75
N ILE A 15 1.70 -1.56 -8.89
CA ILE A 15 2.81 -2.46 -8.61
C ILE A 15 3.44 -2.95 -9.91
N THR A 16 2.62 -3.23 -10.91
CA THR A 16 3.10 -3.60 -12.24
C THR A 16 2.02 -3.30 -13.28
N THR A 17 2.31 -3.59 -14.54
CA THR A 17 1.31 -3.48 -15.59
C THR A 17 1.19 -4.78 -16.39
N LYS A 18 0.09 -4.95 -17.11
CA LYS A 18 -0.09 -6.16 -17.90
C LYS A 18 0.98 -6.30 -18.96
N ASN A 19 1.52 -5.17 -19.42
CA ASN A 19 2.61 -5.18 -20.38
C ASN A 19 3.84 -5.95 -19.93
N GLU A 20 4.06 -6.05 -18.61
CA GLU A 20 5.29 -6.64 -18.08
C GLU A 20 5.16 -8.14 -17.79
N ILE A 21 3.98 -8.70 -18.02
CA ILE A 21 3.72 -10.13 -17.78
C ILE A 21 4.48 -11.00 -18.78
N PHE A 22 5.09 -12.07 -18.27
CA PHE A 22 5.71 -13.06 -19.13
C PHE A 22 5.55 -14.47 -18.56
N SER A 23 5.96 -15.47 -19.34
CA SER A 23 5.77 -16.86 -18.93
C SER A 23 7.11 -17.54 -18.70
N LEU A 24 7.45 -17.77 -17.44
CA LEU A 24 8.72 -18.40 -17.08
C LEU A 24 8.53 -19.92 -17.19
N SER A 25 9.46 -20.59 -17.88
CA SER A 25 9.40 -22.03 -17.98
C SER A 25 9.88 -22.70 -16.70
N LEU A 26 9.05 -23.55 -16.13
CA LEU A 26 9.31 -24.19 -14.84
C LEU A 26 10.00 -25.53 -14.97
N CYS A 27 10.29 -25.91 -16.21
CA CYS A 27 10.97 -27.18 -16.47
C CYS A 27 12.40 -26.89 -16.91
N GLY A 28 13.22 -27.93 -16.99
CA GLY A 28 14.60 -27.77 -17.39
C GLY A 28 14.83 -28.25 -18.82
N PRO A 29 16.04 -28.67 -19.15
CA PRO A 29 16.31 -29.10 -20.51
C PRO A 29 15.36 -30.22 -20.91
N MSE A 30 14.84 -30.12 -22.13
CA MSE A 30 14.00 -31.14 -22.71
C MSE A 30 12.68 -31.16 -22.02
O MSE A 30 11.91 -32.08 -22.22
CB MSE A 30 14.58 -32.51 -22.44
CG MSE A 30 15.62 -32.85 -23.50
SE MSE A 30 17.31 -31.97 -23.08
CE MSE A 30 17.72 -32.78 -21.36
N ALA A 31 12.42 -30.15 -21.23
CA ALA A 31 11.11 -30.01 -20.61
C ALA A 31 10.67 -31.28 -19.89
N ALA A 32 11.57 -31.83 -19.07
CA ALA A 32 11.22 -32.93 -18.15
C ALA A 32 10.16 -32.56 -17.12
N TYR A 33 9.54 -33.59 -16.54
CA TYR A 33 8.74 -33.44 -15.34
C TYR A 33 9.53 -32.77 -14.20
N VAL A 34 8.84 -31.93 -13.45
CA VAL A 34 9.38 -31.44 -12.18
C VAL A 34 8.33 -31.59 -11.09
N ASN A 35 8.75 -32.03 -9.91
CA ASN A 35 7.93 -31.90 -8.72
C ASN A 35 7.60 -30.43 -8.51
N PRO A 36 6.31 -30.07 -8.59
CA PRO A 36 5.84 -28.80 -8.05
C PRO A 36 6.43 -28.53 -6.66
N HIS A 37 6.77 -27.28 -6.39
CA HIS A 37 7.52 -26.93 -5.19
C HIS A 37 6.69 -26.06 -4.24
N GLY A 38 6.30 -24.90 -4.77
CA GLY A 38 5.48 -23.89 -4.10
C GLY A 38 4.15 -23.73 -4.81
N TYR A 39 3.61 -22.51 -4.88
CA TYR A 39 2.30 -22.35 -5.50
C TYR A 39 2.29 -21.34 -6.63
N VAL A 40 2.85 -21.79 -7.74
CA VAL A 40 3.05 -20.99 -8.92
C VAL A 40 1.79 -20.53 -9.65
N HIS A 41 0.75 -21.34 -9.67
CA HIS A 41 -0.48 -20.97 -10.36
C HIS A 41 -1.08 -19.73 -9.72
N GLU A 42 -0.78 -19.49 -8.46
CA GLU A 42 -1.28 -18.34 -7.70
C GLU A 42 -0.43 -17.09 -7.90
N THR A 43 0.68 -17.24 -8.61
CA THR A 43 1.72 -16.21 -8.71
C THR A 43 1.86 -15.72 -10.16
N LEU A 44 1.88 -14.41 -10.34
CA LEU A 44 2.05 -13.79 -11.66
C LEU A 44 3.49 -13.33 -11.79
N THR A 45 4.13 -13.64 -12.92
CA THR A 45 5.53 -13.25 -13.09
C THR A 45 5.67 -12.09 -14.07
N VAL A 46 6.32 -11.02 -13.65
CA VAL A 46 6.53 -9.83 -14.49
C VAL A 46 8.01 -9.43 -14.55
N TYR A 47 8.41 -8.81 -15.64
CA TYR A 47 9.79 -8.36 -15.79
C TYR A 47 10.13 -7.20 -14.85
N LYS A 48 9.14 -6.34 -14.64
CA LYS A 48 9.37 -5.05 -13.99
C LYS A 48 8.21 -4.77 -13.05
N ALA A 49 8.52 -4.14 -11.92
CA ALA A 49 7.51 -3.72 -10.95
C ALA A 49 7.92 -2.43 -10.26
N SER A 50 7.00 -1.83 -9.52
CA SER A 50 7.23 -0.51 -8.94
C SER A 50 6.62 -0.38 -7.55
N ASN A 51 7.15 0.55 -6.76
CA ASN A 51 6.52 0.95 -5.51
C ASN A 51 6.48 -0.17 -4.48
N LEU A 52 7.49 -1.04 -4.54
CA LEU A 52 7.66 -2.09 -3.54
C LEU A 52 8.94 -1.81 -2.75
N ASN A 53 8.94 -2.20 -1.49
CA ASN A 53 10.17 -2.20 -0.69
C ASN A 53 10.62 -3.64 -0.54
N LEU A 54 11.90 -3.86 -0.77
CA LEU A 54 12.50 -5.18 -0.58
C LEU A 54 12.94 -5.34 0.87
N ILE A 55 12.53 -6.46 1.46
CA ILE A 55 12.90 -6.80 2.84
C ILE A 55 14.04 -7.82 2.86
N GLY A 56 15.15 -7.46 3.49
CA GLY A 56 16.23 -8.42 3.72
C GLY A 56 17.03 -8.65 2.45
N ARG A 57 17.79 -9.74 2.43
CA ARG A 57 18.69 -10.03 1.32
C ARG A 57 18.18 -11.27 0.58
N PRO A 58 18.64 -11.49 -0.66
CA PRO A 58 18.20 -12.68 -1.40
C PRO A 58 18.51 -13.98 -0.67
N SER A 59 17.58 -14.93 -0.71
CA SER A 59 17.79 -16.27 -0.13
C SER A 59 17.45 -17.34 -1.15
N THR A 60 18.16 -18.47 -1.11
CA THR A 60 17.86 -19.61 -1.98
C THR A 60 17.10 -20.70 -1.23
N VAL A 61 16.75 -20.46 0.02
CA VAL A 61 16.01 -21.44 0.80
C VAL A 61 14.64 -21.76 0.20
N HIS A 62 14.44 -23.02 -0.19
CA HIS A 62 13.15 -23.50 -0.70
C HIS A 62 12.51 -22.53 -1.69
N SER A 63 13.31 -22.05 -2.65
CA SER A 63 12.81 -21.19 -3.71
C SER A 63 11.75 -21.89 -4.55
N TRP A 64 10.70 -21.14 -4.86
CA TRP A 64 9.65 -21.63 -5.74
C TRP A 64 10.07 -21.73 -7.19
N PHE A 65 11.10 -20.97 -7.56
CA PHE A 65 11.68 -21.05 -8.88
C PHE A 65 13.17 -21.38 -8.80
N PRO A 66 13.51 -22.68 -8.77
CA PRO A 66 14.90 -23.13 -8.65
C PRO A 66 15.80 -22.39 -9.62
N GLY A 67 17.00 -22.05 -9.18
CA GLY A 67 17.92 -21.25 -9.98
C GLY A 67 17.85 -19.78 -9.62
N TYR A 68 16.79 -19.41 -8.91
CA TYR A 68 16.58 -18.04 -8.45
C TYR A 68 16.57 -17.95 -6.92
N ALA A 69 17.18 -16.90 -6.39
CA ALA A 69 16.93 -16.48 -5.02
C ALA A 69 15.71 -15.57 -4.92
N TRP A 70 15.13 -15.45 -3.72
CA TRP A 70 13.95 -14.65 -3.50
C TRP A 70 14.17 -13.62 -2.40
N THR A 71 13.55 -12.45 -2.57
CA THR A 71 13.53 -11.41 -1.55
C THR A 71 12.09 -10.93 -1.39
N ILE A 72 11.58 -10.93 -0.16
CA ILE A 72 10.22 -10.49 0.10
C ILE A 72 10.02 -9.07 -0.39
N ALA A 73 8.87 -8.83 -1.01
CA ALA A 73 8.54 -7.50 -1.53
C ALA A 73 7.19 -7.05 -1.00
N GLN A 74 7.16 -5.87 -0.38
CA GLN A 74 5.90 -5.33 0.13
C GLN A 74 5.61 -3.93 -0.40
N CYS A 75 4.32 -3.59 -0.44
CA CYS A 75 3.89 -2.29 -0.92
C CYS A 75 4.48 -1.17 -0.06
N LYS A 76 5.08 -0.20 -0.74
CA LYS A 76 5.73 0.95 -0.11
C LYS A 76 4.74 1.76 0.74
N ILE A 77 3.50 1.79 0.29
CA ILE A 77 2.47 2.61 0.92
C ILE A 77 1.91 1.94 2.17
N CYS A 78 1.47 0.68 2.04
CA CYS A 78 0.68 0.03 3.08
C CYS A 78 1.35 -1.19 3.70
N ALA A 79 2.47 -1.62 3.10
CA ALA A 79 3.30 -2.68 3.63
C ALA A 79 2.71 -4.07 3.49
N SER A 80 1.65 -4.20 2.70
CA SER A 80 1.12 -5.50 2.34
C SER A 80 2.16 -6.32 1.60
N HIS A 81 2.28 -7.60 1.94
CA HIS A 81 3.17 -8.51 1.25
C HIS A 81 2.60 -8.85 -0.12
N ILE A 82 3.16 -8.28 -1.17
CA ILE A 82 2.63 -8.52 -2.51
C ILE A 82 3.25 -9.77 -3.16
N GLY A 83 4.54 -9.99 -2.91
CA GLY A 83 5.24 -11.14 -3.48
C GLY A 83 6.73 -11.08 -3.23
N TRP A 84 7.51 -11.33 -4.27
CA TRP A 84 8.95 -11.49 -4.12
C TRP A 84 9.68 -10.97 -5.37
N LYS A 85 10.89 -10.46 -5.17
CA LYS A 85 11.84 -10.26 -6.26
C LYS A 85 12.73 -11.49 -6.35
N PHE A 86 12.83 -12.04 -7.56
CA PHE A 86 13.64 -13.21 -7.84
C PHE A 86 14.89 -12.81 -8.60
N THR A 87 16.04 -13.30 -8.15
CA THR A 87 17.33 -12.92 -8.74
C THR A 87 18.15 -14.17 -9.07
N ALA A 88 18.61 -14.26 -10.32
CA ALA A 88 19.30 -15.45 -10.80
C ALA A 88 20.57 -15.76 -10.00
N THR A 89 20.80 -17.05 -9.76
CA THR A 89 22.00 -17.49 -9.04
C THR A 89 23.15 -17.72 -10.00
N LYS A 90 22.84 -17.78 -11.30
CA LYS A 90 23.85 -17.97 -12.33
C LYS A 90 23.74 -16.93 -13.43
N LYS A 91 24.89 -16.48 -13.92
CA LYS A 91 24.95 -15.38 -14.88
C LYS A 91 24.42 -15.75 -16.26
N ASP A 92 24.30 -17.05 -16.53
CA ASP A 92 23.87 -17.50 -17.84
C ASP A 92 22.35 -17.62 -17.99
N MSE A 93 21.60 -17.26 -16.95
CA MSE A 93 20.15 -17.40 -16.97
C MSE A 93 19.46 -16.17 -17.54
O MSE A 93 19.99 -15.06 -17.50
CB MSE A 93 19.62 -17.68 -15.55
CG MSE A 93 20.07 -19.05 -15.02
SE MSE A 93 19.76 -19.20 -13.11
CE MSE A 93 17.81 -19.33 -13.15
N SER A 94 18.22 -16.37 -18.01
CA SER A 94 17.38 -15.28 -18.49
C SER A 94 15.93 -15.48 -18.04
N PRO A 95 15.28 -14.42 -17.53
CA PRO A 95 15.88 -13.13 -17.17
C PRO A 95 16.73 -13.27 -15.91
N GLN A 96 17.66 -12.35 -15.71
CA GLN A 96 18.49 -12.33 -14.51
C GLN A 96 17.67 -11.97 -13.26
N LYS A 97 16.54 -11.33 -13.49
CA LYS A 97 15.65 -10.99 -12.39
C LYS A 97 14.22 -10.82 -12.90
N PHE A 98 13.27 -11.07 -12.01
CA PHE A 98 11.86 -10.84 -12.31
C PHE A 98 11.16 -10.72 -10.98
N TRP A 99 9.84 -10.52 -11.03
CA TRP A 99 9.03 -10.41 -9.83
C TRP A 99 7.94 -11.47 -9.89
N GLY A 100 7.74 -12.17 -8.77
CA GLY A 100 6.63 -13.10 -8.63
C GLY A 100 5.63 -12.52 -7.66
N LEU A 101 4.47 -12.14 -8.21
CA LEU A 101 3.48 -11.39 -7.44
C LEU A 101 2.24 -12.24 -7.19
N THR A 102 1.78 -12.23 -5.95
CA THR A 102 0.60 -12.98 -5.57
C THR A 102 -0.65 -12.39 -6.22
N ARG A 103 -1.31 -13.16 -7.07
CA ARG A 103 -2.40 -12.63 -7.89
C ARG A 103 -3.51 -11.99 -7.06
N SER A 104 -3.84 -12.61 -5.92
CA SER A 104 -4.94 -12.13 -5.09
C SER A 104 -4.61 -10.83 -4.34
N ALA A 105 -3.33 -10.50 -4.27
CA ALA A 105 -2.89 -9.25 -3.67
C ALA A 105 -3.01 -8.06 -4.62
N LEU A 106 -3.46 -8.31 -5.84
CA LEU A 106 -3.54 -7.28 -6.86
C LEU A 106 -4.96 -7.03 -7.34
N LEU A 107 -5.20 -5.80 -7.76
CA LEU A 107 -6.43 -5.42 -8.45
C LEU A 107 -6.07 -4.86 -9.82
N PRO A 108 -6.78 -5.30 -10.87
CA PRO A 108 -7.75 -6.39 -10.88
C PRO A 108 -7.18 -7.71 -10.37
N GLY B 1 -15.49 30.71 6.32
CA GLY B 1 -15.18 31.81 7.28
C GLY B 1 -13.80 31.66 7.90
N PRO B 2 -13.55 32.37 9.00
CA PRO B 2 -12.29 32.32 9.74
C PRO B 2 -11.99 30.91 10.26
N THR B 3 -13.02 30.07 10.28
CA THR B 3 -12.94 28.76 10.91
C THR B 3 -12.65 27.68 9.86
N SER B 4 -12.60 28.09 8.60
CA SER B 4 -12.62 27.17 7.48
C SER B 4 -11.22 26.70 7.11
N LEU B 5 -11.03 25.39 7.03
CA LEU B 5 -9.74 24.83 6.65
C LEU B 5 -9.83 24.11 5.31
N CYS B 6 -9.09 24.65 4.34
CA CYS B 6 -9.27 24.29 2.95
C CYS B 6 -8.06 23.53 2.43
N CYS B 7 -8.28 22.78 1.35
CA CYS B 7 -7.20 22.14 0.60
C CYS B 7 -6.25 23.21 0.07
N LYS B 8 -4.97 23.05 0.38
CA LYS B 8 -3.94 24.00 -0.07
C LYS B 8 -3.86 24.07 -1.59
N GLN B 9 -3.89 22.90 -2.23
CA GLN B 9 -3.62 22.82 -3.67
C GLN B 9 -4.69 23.54 -4.49
N CYS B 10 -5.95 23.24 -4.24
CA CYS B 10 -7.03 23.87 -5.02
C CYS B 10 -7.68 25.09 -4.36
N GLN B 11 -7.57 25.19 -3.04
CA GLN B 11 -7.92 26.42 -2.33
C GLN B 11 -9.41 26.63 -2.08
N GLU B 12 -10.26 26.18 -3.00
CA GLU B 12 -11.68 26.48 -2.92
C GLU B 12 -12.51 25.38 -2.26
N THR B 13 -11.86 24.30 -1.87
CA THR B 13 -12.54 23.15 -1.26
C THR B 13 -12.27 23.10 0.24
N GLU B 14 -13.33 23.23 1.05
CA GLU B 14 -13.18 23.11 2.50
C GLU B 14 -13.14 21.65 2.95
N ILE B 15 -12.20 21.33 3.83
CA ILE B 15 -11.99 19.94 4.24
C ILE B 15 -12.47 19.74 5.67
N THR B 16 -12.29 20.74 6.52
CA THR B 16 -12.86 20.72 7.85
C THR B 16 -12.97 22.14 8.39
N THR B 17 -13.44 22.27 9.63
CA THR B 17 -13.46 23.56 10.30
C THR B 17 -12.72 23.47 11.64
N LYS B 18 -12.36 24.62 12.19
CA LYS B 18 -11.63 24.65 13.45
C LYS B 18 -12.50 24.12 14.58
N ASN B 19 -13.81 24.25 14.43
CA ASN B 19 -14.74 23.75 15.45
C ASN B 19 -14.68 22.23 15.61
N GLU B 20 -14.19 21.53 14.59
CA GLU B 20 -14.16 20.07 14.64
C GLU B 20 -12.89 19.50 15.27
N ILE B 21 -11.96 20.37 15.65
CA ILE B 21 -10.68 19.91 16.16
C ILE B 21 -10.80 19.36 17.58
N PHE B 22 -10.19 18.19 17.81
CA PHE B 22 -10.11 17.64 19.15
C PHE B 22 -8.73 17.03 19.38
N SER B 23 -8.47 16.62 20.61
CA SER B 23 -7.22 15.96 20.97
C SER B 23 -7.42 14.50 21.36
N LEU B 24 -7.15 13.60 20.42
CA LEU B 24 -7.27 12.18 20.69
C LEU B 24 -6.18 11.77 21.67
N SER B 25 -4.97 12.25 21.38
CA SER B 25 -3.89 12.24 22.35
C SER B 25 -3.39 13.65 22.61
N LEU B 26 -3.45 14.06 23.88
CA LEU B 26 -2.79 15.27 24.34
C LEU B 26 -1.30 15.04 24.57
N CYS B 27 -0.86 13.80 24.37
CA CYS B 27 0.55 13.43 24.46
C CYS B 27 1.09 13.69 25.87
N GLY B 28 0.28 13.40 26.87
CA GLY B 28 0.70 13.46 28.26
C GLY B 28 1.49 12.22 28.66
N PRO B 29 2.08 12.24 29.87
CA PRO B 29 3.18 11.32 30.18
C PRO B 29 2.73 9.86 30.29
N MSE B 30 1.48 9.65 30.67
CA MSE B 30 0.91 8.30 30.65
C MSE B 30 0.36 7.99 29.27
O MSE B 30 -0.65 8.53 28.85
CB MSE B 30 -0.19 8.15 31.70
CG MSE B 30 0.30 7.98 33.14
SE MSE B 30 1.76 6.70 33.39
CE MSE B 30 0.70 5.06 33.39
N ALA B 31 1.07 7.14 28.53
CA ALA B 31 0.97 7.09 27.07
C ALA B 31 2.36 6.92 26.46
N HIS B 41 2.18 15.44 16.76
CA HIS B 41 2.92 15.47 15.50
C HIS B 41 2.30 16.44 14.49
N GLU B 42 2.52 16.13 13.22
CA GLU B 42 2.14 17.02 12.13
C GLU B 42 0.67 16.85 11.76
N THR B 43 -0.01 15.94 12.46
CA THR B 43 -1.39 15.60 12.12
C THR B 43 -2.43 16.24 13.04
N LEU B 44 -3.39 16.90 12.41
CA LEU B 44 -4.53 17.48 13.09
C LEU B 44 -5.64 16.43 13.17
N THR B 45 -6.25 16.27 14.33
CA THR B 45 -7.37 15.33 14.46
C THR B 45 -8.71 16.05 14.59
N VAL B 46 -9.64 15.74 13.70
CA VAL B 46 -10.97 16.35 13.70
C VAL B 46 -12.07 15.28 13.67
N TYR B 47 -13.22 15.60 14.29
CA TYR B 47 -14.32 14.65 14.37
C TYR B 47 -15.00 14.51 13.03
N LYS B 48 -15.01 15.60 12.25
CA LYS B 48 -15.76 15.63 11.00
C LYS B 48 -14.95 16.31 9.90
N ALA B 49 -15.10 15.82 8.67
CA ALA B 49 -14.44 16.38 7.49
C ALA B 49 -15.37 16.28 6.28
N SER B 50 -15.04 17.03 5.23
CA SER B 50 -15.87 17.05 4.04
C SER B 50 -15.00 16.99 2.80
N ASN B 51 -15.61 16.55 1.69
CA ASN B 51 -15.02 16.70 0.37
C ASN B 51 -13.72 15.89 0.22
N LEU B 52 -13.62 14.80 0.97
CA LEU B 52 -12.55 13.83 0.79
C LEU B 52 -13.12 12.55 0.20
N ASN B 53 -12.39 11.95 -0.75
CA ASN B 53 -12.71 10.62 -1.24
C ASN B 53 -11.80 9.61 -0.55
N LEU B 54 -12.35 8.46 -0.16
CA LEU B 54 -11.56 7.43 0.50
C LEU B 54 -10.94 6.56 -0.58
N ILE B 55 -9.68 6.21 -0.35
CA ILE B 55 -8.89 5.44 -1.30
C ILE B 55 -8.42 4.16 -0.61
N GLY B 56 -8.79 3.01 -1.17
CA GLY B 56 -8.35 1.73 -0.63
C GLY B 56 -9.14 1.29 0.59
N ARG B 57 -8.59 0.34 1.33
CA ARG B 57 -9.27 -0.31 2.45
C ARG B 57 -8.62 0.14 3.75
N PRO B 58 -9.28 -0.13 4.88
CA PRO B 58 -8.66 0.21 6.16
C PRO B 58 -7.45 -0.69 6.41
N SER B 59 -6.36 -0.10 6.89
CA SER B 59 -5.20 -0.89 7.30
C SER B 59 -4.94 -0.73 8.79
N THR B 60 -4.75 -1.85 9.48
CA THR B 60 -4.32 -1.84 10.88
C THR B 60 -2.80 -1.80 11.01
N VAL B 61 -2.10 -1.85 9.88
CA VAL B 61 -0.65 -1.96 9.86
C VAL B 61 0.03 -0.61 10.06
N HIS B 62 0.78 -0.49 11.15
CA HIS B 62 1.55 0.72 11.42
C HIS B 62 0.69 1.98 11.54
N SER B 63 -0.45 1.85 12.20
CA SER B 63 -1.26 3.02 12.56
C SER B 63 -0.59 3.91 13.61
N TRP B 64 -0.69 5.23 13.42
CA TRP B 64 -0.14 6.20 14.35
C TRP B 64 -0.96 6.30 15.63
N PHE B 65 -2.19 5.81 15.55
CA PHE B 65 -3.12 5.86 16.68
C PHE B 65 -3.57 4.45 16.99
N PRO B 66 -2.91 3.81 17.96
CA PRO B 66 -3.18 2.41 18.28
C PRO B 66 -4.67 2.18 18.49
N GLY B 67 -5.17 1.04 18.01
CA GLY B 67 -6.59 0.73 18.10
C GLY B 67 -7.41 1.16 16.90
N TYR B 68 -6.84 2.00 16.05
CA TYR B 68 -7.55 2.54 14.88
C TYR B 68 -6.88 2.05 13.60
N ALA B 69 -7.69 1.70 12.61
CA ALA B 69 -7.21 1.53 11.23
C ALA B 69 -7.19 2.84 10.45
N TRP B 70 -6.40 2.87 9.37
CA TRP B 70 -6.31 4.05 8.52
C TRP B 70 -6.72 3.80 7.07
N THR B 71 -7.49 4.75 6.52
CA THR B 71 -7.84 4.76 5.11
C THR B 71 -7.41 6.08 4.47
N ILE B 72 -6.67 5.99 3.36
CA ILE B 72 -6.21 7.17 2.65
C ILE B 72 -7.38 8.07 2.26
N ALA B 73 -7.20 9.38 2.46
CA ALA B 73 -8.22 10.36 2.12
C ALA B 73 -7.63 11.47 1.25
N GLN B 74 -8.25 11.70 0.10
CA GLN B 74 -7.79 12.79 -0.77
C GLN B 74 -8.90 13.75 -1.16
N CYS B 75 -8.50 14.95 -1.56
CA CYS B 75 -9.44 15.99 -1.95
C CYS B 75 -10.23 15.58 -3.18
N LYS B 76 -11.54 15.76 -3.12
CA LYS B 76 -12.40 15.24 -4.18
C LYS B 76 -12.24 16.05 -5.47
N ILE B 77 -11.65 17.25 -5.37
CA ILE B 77 -11.52 18.13 -6.53
C ILE B 77 -10.20 17.88 -7.25
N CYS B 78 -9.10 17.86 -6.50
CA CYS B 78 -7.77 17.92 -7.08
C CYS B 78 -6.93 16.70 -6.72
N ALA B 79 -7.46 15.85 -5.84
CA ALA B 79 -6.78 14.60 -5.46
C ALA B 79 -5.53 14.78 -4.59
N SER B 80 -5.32 15.98 -4.04
CA SER B 80 -4.29 16.16 -3.03
C SER B 80 -4.53 15.24 -1.84
N HIS B 81 -3.47 14.59 -1.37
CA HIS B 81 -3.54 13.72 -0.19
C HIS B 81 -3.55 14.50 1.11
N ILE B 82 -4.75 14.69 1.65
CA ILE B 82 -4.93 15.56 2.80
C ILE B 82 -4.67 14.82 4.11
N GLY B 83 -5.03 13.53 4.14
CA GLY B 83 -4.86 12.74 5.36
C GLY B 83 -5.48 11.36 5.29
N TRP B 84 -6.14 10.96 6.38
CA TRP B 84 -6.67 9.61 6.54
C TRP B 84 -7.97 9.69 7.35
N LYS B 85 -8.90 8.78 7.05
CA LYS B 85 -9.99 8.45 7.97
C LYS B 85 -9.49 7.32 8.87
N PHE B 86 -9.63 7.53 10.18
CA PHE B 86 -9.24 6.51 11.17
C PHE B 86 -10.48 5.84 11.73
N THR B 87 -10.52 4.51 11.72
CA THR B 87 -11.71 3.78 12.15
C THR B 87 -11.39 2.78 13.26
N ALA B 88 -12.22 2.77 14.30
CA ALA B 88 -11.93 1.99 15.50
C ALA B 88 -11.95 0.50 15.17
N THR B 89 -11.03 -0.26 15.76
CA THR B 89 -11.02 -1.70 15.57
C THR B 89 -11.92 -2.43 16.56
N LYS B 90 -12.35 -1.73 17.61
CA LYS B 90 -13.24 -2.33 18.61
C LYS B 90 -14.46 -1.47 18.86
N LYS B 91 -15.61 -2.10 19.10
CA LYS B 91 -16.88 -1.37 19.18
C LYS B 91 -17.01 -0.54 20.46
N ASP B 92 -16.16 -0.84 21.45
CA ASP B 92 -16.24 -0.13 22.71
C ASP B 92 -15.43 1.16 22.78
N MSE B 93 -14.71 1.49 21.70
CA MSE B 93 -13.91 2.71 21.63
C MSE B 93 -14.71 3.95 21.30
O MSE B 93 -15.74 3.87 20.62
CB MSE B 93 -12.78 2.55 20.60
CG MSE B 93 -11.78 1.46 20.99
SE MSE B 93 -10.58 0.94 19.53
CE MSE B 93 -9.63 2.65 19.36
N SER B 94 -14.15 5.12 21.61
CA SER B 94 -14.70 6.39 21.13
C SER B 94 -13.58 7.37 20.78
N PRO B 95 -13.76 8.11 19.67
CA PRO B 95 -14.86 8.00 18.71
C PRO B 95 -14.66 6.76 17.85
N GLN B 96 -15.72 6.25 17.22
CA GLN B 96 -15.58 5.09 16.33
C GLN B 96 -14.85 5.49 15.04
N LYS B 97 -14.85 6.78 14.75
CA LYS B 97 -14.23 7.31 13.53
C LYS B 97 -13.74 8.74 13.77
N PHE B 98 -12.59 9.08 13.20
CA PHE B 98 -12.17 10.47 13.12
C PHE B 98 -11.25 10.65 11.91
N TRP B 99 -10.83 11.88 11.66
CA TRP B 99 -9.92 12.20 10.56
C TRP B 99 -8.59 12.70 11.11
N GLY B 100 -7.50 12.20 10.56
CA GLY B 100 -6.19 12.78 10.76
C GLY B 100 -5.74 13.50 9.50
N LEU B 101 -5.52 14.81 9.61
CA LEU B 101 -5.23 15.62 8.43
C LEU B 101 -3.86 16.28 8.58
N THR B 102 -3.02 16.09 7.57
CA THR B 102 -1.68 16.71 7.53
C THR B 102 -1.78 18.23 7.44
N ARG B 103 -1.26 18.92 8.45
CA ARG B 103 -1.39 20.37 8.54
C ARG B 103 -0.89 21.09 7.28
N SER B 104 0.23 20.64 6.73
CA SER B 104 0.83 21.34 5.59
C SER B 104 0.00 21.15 4.32
N ALA B 105 -1.00 20.29 4.39
CA ALA B 105 -1.89 20.07 3.25
C ALA B 105 -3.08 21.00 3.29
N LEU B 106 -3.15 21.83 4.34
CA LEU B 106 -4.33 22.66 4.58
C LEU B 106 -4.02 24.16 4.53
N LEU B 107 -5.04 24.96 4.23
CA LEU B 107 -4.96 26.42 4.32
C LEU B 107 -6.10 26.98 5.16
N PRO B 108 -5.80 27.88 6.10
CA PRO B 108 -4.46 28.34 6.50
C PRO B 108 -3.59 27.20 7.01
ZN ZN C . -0.56 -0.97 -0.82
S SO4 D . 17.00 -4.18 -16.18
O1 SO4 D . 17.01 -3.18 -15.11
O2 SO4 D . 18.06 -3.88 -17.15
O3 SO4 D . 15.70 -4.14 -16.86
O4 SO4 D . 17.21 -5.51 -15.60
S SO4 E . 14.75 -3.21 -11.06
O1 SO4 E . 15.37 -2.00 -11.61
O2 SO4 E . 15.79 -4.11 -10.53
O3 SO4 E . 13.83 -2.91 -9.97
O4 SO4 E . 14.03 -3.85 -12.17
ZN ZN F . -8.05 20.18 -3.54
S SO4 G . -21.32 10.52 13.24
O1 SO4 G . -19.85 10.67 12.94
O2 SO4 G . -22.03 11.49 12.38
O3 SO4 G . -21.57 10.73 14.62
O4 SO4 G . -21.71 9.16 12.85
S SO4 H . -18.90 7.81 17.54
O1 SO4 H . -19.31 9.22 17.45
O2 SO4 H . -18.10 7.59 16.34
O3 SO4 H . -18.16 7.51 18.77
O4 SO4 H . -20.07 6.93 17.60
#